data_6I9Q
#
_entry.id   6I9Q
#
_cell.length_a   97.384
_cell.length_b   97.384
_cell.length_c   218.980
_cell.angle_alpha   90.000
_cell.angle_beta   90.000
_cell.angle_gamma   90.000
#
_symmetry.space_group_name_H-M   'I 4 2 2'
#
loop_
_entity.id
_entity.type
_entity.pdbx_description
1 polymer '4F2 cell-surface antigen heavy chain'
2 non-polymer 1,2-ETHANEDIOL
3 non-polymer 'CHLORIDE ION'
4 water water
#
_entity_poly.entity_id   1
_entity_poly.type   'polypeptide(L)'
_entity_poly.pdbx_seq_one_letter_code
;ASWSHPQFEKGAELPVQRWWHKGALYRIGDLQAFVGRDAGGIAGLKSHLEYLSTLKVKGLVLGPIHKNQKDEINETDLKQ
INPTLGSQEDFKDLLQSAKKKSIHIILDLTPNYQGQNAWFLPAQADIVATKMKEALSSWLQDGVDGFQFRDVGKLMNAPL
YLAEWQNITKNLSEDRLLIAGTESSDLQQIVNILESTSDLLLTSSYLSNSTFTGERTESLVTRFLNATGSQWCSWSVSQA
GLLADFIPDHLLRLYQLLLFTLPGTPVFSYGDELGLQGALPGQPAKAPLMPWNESSIFHIPRPVSLNMTVKGQNEDPGSL
LTQFRRLSDLRGKERSLLHGDFHALSSSPDLFSYIRHWDQNERYLVVLNFRDSGRSARLGASNLPAGISLPASAKLLLST
DSARQSREEDTSLKLENLSLNPYEGLLLQFPFVA
;
_entity_poly.pdbx_strand_id   A
#
loop_
_chem_comp.id
_chem_comp.type
_chem_comp.name
_chem_comp.formula
CL non-polymer 'CHLORIDE ION' 'Cl -1'
EDO non-polymer 1,2-ETHANEDIOL 'C2 H6 O2'
#
# COMPACT_ATOMS: atom_id res chain seq x y z
N GLU A 13 17.34 10.00 17.25
CA GLU A 13 16.46 11.16 17.60
C GLU A 13 15.30 11.25 16.58
N LEU A 14 14.07 11.04 17.06
CA LEU A 14 12.89 10.68 16.22
C LEU A 14 12.29 11.92 15.54
N PRO A 15 12.18 11.97 14.19
CA PRO A 15 11.44 13.04 13.51
C PRO A 15 9.98 13.14 13.96
N VAL A 16 9.36 14.28 13.67
CA VAL A 16 7.93 14.47 13.90
C VAL A 16 7.19 13.43 13.06
N GLN A 17 6.22 12.71 13.66
CA GLN A 17 5.46 11.68 13.01
C GLN A 17 4.26 12.29 12.27
N ARG A 18 4.28 12.26 10.93
CA ARG A 18 3.23 12.84 10.06
C ARG A 18 2.15 11.78 9.78
N TRP A 19 1.00 12.21 9.22
CA TRP A 19 -0.18 11.38 9.18
C TRP A 19 0.11 10.06 8.41
N TRP A 20 0.98 10.08 7.37
CA TRP A 20 1.24 8.88 6.54
C TRP A 20 2.15 7.86 7.24
N HIS A 21 2.82 8.22 8.37
CA HIS A 21 3.59 7.26 9.16
C HIS A 21 2.68 6.33 9.99
N LYS A 22 1.41 6.68 10.15
CA LYS A 22 0.55 6.03 11.15
C LYS A 22 -0.22 4.82 10.60
N GLY A 23 -0.16 4.57 9.28
CA GLY A 23 -0.76 3.33 8.68
C GLY A 23 -0.91 3.41 7.17
N ALA A 24 -1.87 2.63 6.62
CA ALA A 24 -1.89 2.32 5.18
C ALA A 24 -2.53 3.43 4.34
N LEU A 25 -2.08 3.51 3.09
CA LEU A 25 -2.77 4.21 2.01
C LEU A 25 -3.54 3.20 1.16
N TYR A 26 -4.61 3.73 0.56
CA TYR A 26 -5.61 2.95 -0.15
C TYR A 26 -5.96 3.70 -1.42
N ARG A 27 -5.57 3.12 -2.56
CA ARG A 27 -5.70 3.77 -3.89
C ARG A 27 -7.07 3.39 -4.48
N ILE A 28 -7.75 4.41 -5.01
CA ILE A 28 -8.98 4.31 -5.77
C ILE A 28 -8.78 5.08 -7.07
N GLY A 29 -8.32 4.35 -8.12
CA GLY A 29 -8.02 4.89 -9.46
C GLY A 29 -9.29 5.25 -10.21
N ASP A 30 -10.28 4.36 -10.16
CA ASP A 30 -11.53 4.53 -10.89
C ASP A 30 -12.67 4.65 -9.86
N LEU A 31 -13.04 5.88 -9.49
CA LEU A 31 -14.06 6.11 -8.44
C LEU A 31 -15.40 5.46 -8.82
N GLN A 32 -15.82 5.59 -10.07
CA GLN A 32 -17.12 5.06 -10.47
C GLN A 32 -17.17 3.53 -10.28
N ALA A 33 -16.08 2.84 -10.64
CA ALA A 33 -15.99 1.36 -10.50
C ALA A 33 -16.00 0.98 -9.02
N PHE A 34 -15.28 1.75 -8.20
CA PHE A 34 -15.32 1.52 -6.74
C PHE A 34 -16.77 1.66 -6.21
N VAL A 35 -17.48 2.66 -6.67
CA VAL A 35 -18.75 3.09 -6.04
C VAL A 35 -19.88 2.18 -6.52
N GLY A 36 -19.91 1.87 -7.81
CA GLY A 36 -20.92 1.07 -8.39
C GLY A 36 -21.89 1.90 -9.22
N ARG A 37 -23.09 1.34 -9.43
CA ARG A 37 -24.06 1.94 -10.34
C ARG A 37 -25.10 2.79 -9.58
N ASP A 38 -25.09 2.84 -8.24
CA ASP A 38 -26.20 3.45 -7.51
C ASP A 38 -26.05 4.95 -7.31
N ALA A 39 -24.85 5.50 -7.46
CA ALA A 39 -24.58 6.93 -7.27
C ALA A 39 -23.37 7.35 -8.12
N GLY A 40 -23.19 8.65 -8.30
CA GLY A 40 -22.05 9.26 -9.05
C GLY A 40 -20.80 9.19 -8.18
N GLY A 41 -19.62 9.23 -8.80
CA GLY A 41 -18.41 8.74 -8.13
C GLY A 41 -18.10 9.44 -6.81
N ILE A 42 -18.25 10.77 -6.77
CA ILE A 42 -17.74 11.54 -5.62
C ILE A 42 -18.73 11.44 -4.45
N ALA A 43 -20.02 11.67 -4.74
CA ALA A 43 -21.05 11.50 -3.72
C ALA A 43 -21.02 10.09 -3.16
N GLY A 44 -20.94 9.08 -4.06
CA GLY A 44 -21.02 7.70 -3.65
C GLY A 44 -19.85 7.29 -2.78
N LEU A 45 -18.68 7.88 -3.03
CA LEU A 45 -17.50 7.54 -2.24
C LEU A 45 -17.77 7.98 -0.79
N LYS A 46 -18.47 9.11 -0.66
CA LYS A 46 -18.78 9.66 0.65
C LYS A 46 -19.59 8.65 1.47
N SER A 47 -20.51 7.90 0.84
CA SER A 47 -21.30 6.87 1.57
C SER A 47 -20.49 5.63 1.99
N HIS A 48 -19.22 5.46 1.55
CA HIS A 48 -18.42 4.27 1.91
C HIS A 48 -17.37 4.64 2.97
N LEU A 49 -17.39 5.89 3.47
CA LEU A 49 -16.31 6.34 4.38
C LEU A 49 -16.35 5.53 5.68
N GLU A 50 -17.53 5.10 6.09
CA GLU A 50 -17.64 4.32 7.30
C GLU A 50 -16.97 2.95 7.09
N TYR A 51 -17.23 2.30 5.94
CA TYR A 51 -16.49 1.00 5.61
C TYR A 51 -14.96 1.25 5.64
N LEU A 52 -14.51 2.35 5.02
CA LEU A 52 -13.06 2.60 4.88
C LEU A 52 -12.48 2.87 6.28
N SER A 53 -13.30 3.46 7.16
CA SER A 53 -12.86 3.71 8.55
C SER A 53 -12.65 2.39 9.32
N THR A 54 -13.46 1.37 8.98
CA THR A 54 -13.26 0.07 9.59
C THR A 54 -11.94 -0.57 9.15
N LEU A 55 -11.40 -0.22 7.98
CA LEU A 55 -10.09 -0.79 7.53
C LEU A 55 -8.93 -0.12 8.27
N LYS A 56 -9.22 1.00 8.95
CA LYS A 56 -8.19 1.85 9.65
C LYS A 56 -7.13 2.42 8.69
N VAL A 57 -7.48 2.67 7.42
CA VAL A 57 -6.53 3.30 6.48
C VAL A 57 -6.40 4.80 6.82
N LYS A 58 -5.20 5.36 6.66
CA LYS A 58 -4.95 6.79 7.02
C LYS A 58 -5.19 7.73 5.85
N GLY A 59 -5.14 7.21 4.60
CA GLY A 59 -5.38 8.08 3.46
C GLY A 59 -5.90 7.34 2.24
N LEU A 60 -6.63 8.05 1.40
CA LEU A 60 -7.14 7.58 0.14
C LEU A 60 -6.39 8.31 -0.98
N VAL A 61 -6.00 7.59 -2.03
CA VAL A 61 -5.31 8.16 -3.19
C VAL A 61 -6.23 8.05 -4.38
N LEU A 62 -6.79 9.19 -4.83
CA LEU A 62 -7.94 9.21 -5.73
C LEU A 62 -7.55 9.60 -7.16
N GLY A 63 -8.13 8.89 -8.14
CA GLY A 63 -8.16 9.35 -9.50
C GLY A 63 -6.98 8.83 -10.32
N PRO A 64 -6.67 9.52 -11.43
CA PRO A 64 -7.14 10.87 -11.72
C PRO A 64 -8.66 11.01 -11.98
N ILE A 65 -9.17 12.24 -11.75
CA ILE A 65 -10.59 12.54 -11.88
C ILE A 65 -10.82 13.74 -12.78
N HIS A 66 -9.77 14.32 -13.39
CA HIS A 66 -9.89 15.57 -14.13
C HIS A 66 -10.30 15.33 -15.60
N LYS A 67 -10.63 16.44 -16.27
CA LYS A 67 -10.98 16.46 -17.72
C LYS A 67 -9.72 16.21 -18.59
N ASN A 68 -9.77 15.16 -19.41
CA ASN A 68 -8.66 14.77 -20.26
C ASN A 68 -9.26 14.14 -21.51
N GLN A 69 -9.30 14.92 -22.58
CA GLN A 69 -9.53 14.46 -23.94
C GLN A 69 -8.22 13.83 -24.42
N LYS A 70 -8.19 12.49 -24.49
CA LYS A 70 -7.12 11.61 -24.99
C LYS A 70 -6.13 12.34 -25.91
N ASP A 71 -4.87 12.45 -25.52
CA ASP A 71 -3.83 12.95 -26.42
C ASP A 71 -4.16 14.35 -26.95
N GLU A 72 -5.02 15.14 -26.28
CA GLU A 72 -5.20 16.57 -26.68
C GLU A 72 -4.96 17.53 -25.51
N ILE A 73 -3.74 18.06 -25.49
CA ILE A 73 -3.28 18.76 -24.35
C ILE A 73 -4.16 20.00 -24.11
N ASN A 74 -4.76 20.60 -25.15
CA ASN A 74 -5.54 21.88 -24.94
C ASN A 74 -7.01 21.60 -24.62
N GLU A 75 -7.44 20.34 -24.68
CA GLU A 75 -8.70 19.90 -24.14
C GLU A 75 -8.47 19.07 -22.87
N THR A 76 -7.45 19.41 -22.07
CA THR A 76 -7.15 18.73 -20.83
C THR A 76 -7.08 19.82 -19.75
N ASP A 77 -7.89 19.70 -18.68
CA ASP A 77 -7.90 20.77 -17.68
C ASP A 77 -7.75 20.12 -16.33
N LEU A 78 -6.53 20.23 -15.77
CA LEU A 78 -6.12 19.52 -14.56
C LEU A 78 -6.87 20.06 -13.35
N LYS A 79 -7.52 21.23 -13.51
CA LYS A 79 -8.24 21.92 -12.41
C LYS A 79 -9.74 21.64 -12.40
N GLN A 80 -10.25 20.95 -13.41
CA GLN A 80 -11.67 20.66 -13.50
C GLN A 80 -11.96 19.17 -13.37
N ILE A 81 -12.86 18.84 -12.45
CA ILE A 81 -13.40 17.50 -12.28
C ILE A 81 -14.26 17.12 -13.49
N ASN A 82 -14.09 15.88 -13.92
CA ASN A 82 -14.95 15.25 -14.89
C ASN A 82 -16.41 15.28 -14.38
N PRO A 83 -17.35 15.96 -15.10
CA PRO A 83 -18.73 16.16 -14.62
C PRO A 83 -19.58 14.88 -14.36
N THR A 84 -19.17 13.74 -14.95
CA THR A 84 -19.77 12.42 -14.71
C THR A 84 -19.59 11.97 -13.28
N LEU A 85 -18.55 12.50 -12.64
CA LEU A 85 -18.22 12.08 -11.29
C LEU A 85 -18.85 13.05 -10.28
N GLY A 86 -18.94 14.33 -10.64
CA GLY A 86 -19.42 15.35 -9.70
C GLY A 86 -18.87 16.74 -9.96
N SER A 87 -19.11 17.67 -9.01
CA SER A 87 -18.67 19.11 -9.07
C SER A 87 -17.52 19.34 -8.08
N GLN A 88 -16.84 20.50 -8.20
CA GLN A 88 -15.87 21.00 -7.20
C GLN A 88 -16.43 21.01 -5.79
N GLU A 89 -17.70 21.43 -5.69
CA GLU A 89 -18.35 21.54 -4.41
C GLU A 89 -18.51 20.15 -3.80
N ASP A 90 -18.92 19.17 -4.61
CA ASP A 90 -19.01 17.77 -4.13
C ASP A 90 -17.65 17.33 -3.59
N PHE A 91 -16.57 17.71 -4.28
CA PHE A 91 -15.22 17.29 -3.90
C PHE A 91 -14.86 17.88 -2.53
N LYS A 92 -15.19 19.16 -2.35
CA LYS A 92 -14.88 19.89 -1.11
C LYS A 92 -15.63 19.29 0.04
N ASP A 93 -16.88 18.92 -0.23
CA ASP A 93 -17.69 18.28 0.76
C ASP A 93 -17.15 16.88 1.10
N LEU A 94 -16.68 16.12 0.10
CA LEU A 94 -16.01 14.83 0.35
C LEU A 94 -14.84 15.00 1.32
N LEU A 95 -13.97 15.98 1.04
CA LEU A 95 -12.73 16.27 1.82
C LEU A 95 -13.10 16.55 3.29
N GLN A 96 -14.14 17.36 3.51
CA GLN A 96 -14.63 17.65 4.89
C GLN A 96 -15.15 16.39 5.59
N SER A 97 -15.98 15.59 4.90
CA SER A 97 -16.48 14.35 5.53
C SER A 97 -15.33 13.38 5.84
N ALA A 98 -14.33 13.30 4.94
CA ALA A 98 -13.18 12.38 5.17
C ALA A 98 -12.43 12.84 6.41
N LYS A 99 -12.23 14.17 6.51
CA LYS A 99 -11.52 14.77 7.63
C LYS A 99 -12.23 14.49 8.97
N LYS A 100 -13.56 14.41 9.00
CA LYS A 100 -14.22 14.05 10.27
C LYS A 100 -13.87 12.62 10.71
N LYS A 101 -13.39 11.76 9.80
CA LYS A 101 -13.04 10.41 10.19
C LYS A 101 -11.52 10.29 10.33
N SER A 102 -10.81 11.41 10.25
CA SER A 102 -9.33 11.43 10.30
C SER A 102 -8.73 10.65 9.11
N ILE A 103 -9.37 10.76 7.94
CA ILE A 103 -8.87 10.18 6.71
C ILE A 103 -8.47 11.31 5.76
N HIS A 104 -7.20 11.31 5.34
CA HIS A 104 -6.63 12.33 4.45
C HIS A 104 -6.83 11.89 2.99
N ILE A 105 -6.70 12.84 2.04
CA ILE A 105 -7.00 12.64 0.67
C ILE A 105 -5.85 13.13 -0.21
N ILE A 106 -5.33 12.22 -1.05
CA ILE A 106 -4.27 12.49 -2.04
C ILE A 106 -4.91 12.52 -3.43
N LEU A 107 -4.56 13.51 -4.27
CA LEU A 107 -5.09 13.54 -5.68
C LEU A 107 -3.99 13.18 -6.71
N ASP A 108 -4.34 12.23 -7.58
CA ASP A 108 -3.54 11.77 -8.69
C ASP A 108 -3.79 12.72 -9.87
N LEU A 109 -2.72 13.44 -10.27
CA LEU A 109 -2.76 14.42 -11.37
C LEU A 109 -2.01 13.90 -12.58
N THR A 110 -1.81 12.59 -12.69
CA THR A 110 -1.18 12.07 -13.95
C THR A 110 -1.98 12.60 -15.16
N PRO A 111 -1.39 13.39 -16.08
CA PRO A 111 -2.21 14.28 -16.93
C PRO A 111 -3.01 13.71 -18.10
N ASN A 112 -2.40 12.81 -18.89
CA ASN A 112 -3.03 12.22 -20.08
C ASN A 112 -3.44 10.76 -19.79
N TYR A 113 -4.10 10.57 -18.65
CA TYR A 113 -4.38 9.25 -18.05
C TYR A 113 -5.31 8.43 -18.95
N GLN A 114 -5.99 9.07 -19.90
CA GLN A 114 -6.89 8.37 -20.80
C GLN A 114 -6.18 7.89 -22.08
N GLY A 115 -4.95 8.35 -22.33
CA GLY A 115 -4.16 7.95 -23.50
C GLY A 115 -3.07 6.94 -23.15
N GLN A 116 -2.30 6.56 -24.18
CA GLN A 116 -1.20 5.56 -24.10
C GLN A 116 0.00 6.14 -23.33
N ASN A 117 0.50 7.30 -23.74
N ASN A 117 0.40 7.36 -23.69
CA ASN A 117 1.55 8.01 -22.99
CA ASN A 117 1.50 8.07 -23.08
C ASN A 117 0.88 9.02 -22.08
C ASN A 117 0.95 9.09 -22.06
N ALA A 118 0.91 8.68 -20.78
CA ALA A 118 0.20 9.40 -19.78
C ALA A 118 0.83 10.78 -19.52
N TRP A 119 2.03 11.07 -20.05
CA TRP A 119 2.65 12.39 -19.84
C TRP A 119 2.60 13.24 -21.13
N PHE A 120 1.78 12.85 -22.13
CA PHE A 120 1.76 13.48 -23.51
C PHE A 120 3.14 13.25 -24.16
N LEU A 121 3.46 14.01 -25.22
CA LEU A 121 4.74 13.77 -25.94
C LEU A 121 5.90 14.47 -25.25
N PRO A 122 7.11 13.88 -25.34
CA PRO A 122 8.33 14.49 -24.80
C PRO A 122 8.52 15.98 -25.16
N ALA A 123 8.25 16.30 -26.41
CA ALA A 123 8.31 17.66 -26.90
C ALA A 123 7.36 18.54 -26.08
N GLN A 124 6.26 18.00 -25.55
CA GLN A 124 5.27 18.83 -24.84
C GLN A 124 5.59 19.04 -23.35
N ALA A 125 6.75 18.62 -22.82
CA ALA A 125 7.01 18.55 -21.34
C ALA A 125 6.85 19.90 -20.61
N ASP A 126 7.23 21.00 -21.26
CA ASP A 126 7.24 22.29 -20.56
C ASP A 126 5.81 22.86 -20.49
N ILE A 127 4.96 22.54 -21.49
CA ILE A 127 3.55 22.84 -21.41
C ILE A 127 2.91 22.05 -20.25
N VAL A 128 3.26 20.76 -20.12
CA VAL A 128 2.72 19.97 -18.99
C VAL A 128 3.10 20.65 -17.68
N ALA A 129 4.36 21.06 -17.60
CA ALA A 129 4.93 21.53 -16.37
C ALA A 129 4.27 22.84 -15.94
N THR A 130 3.90 23.67 -16.93
CA THR A 130 3.23 24.95 -16.68
C THR A 130 1.80 24.69 -16.16
N LYS A 131 1.09 23.81 -16.86
CA LYS A 131 -0.21 23.35 -16.40
C LYS A 131 -0.10 22.76 -14.99
N MET A 132 0.93 21.94 -14.74
CA MET A 132 0.96 21.21 -13.46
C MET A 132 1.17 22.20 -12.31
N LYS A 133 2.06 23.18 -12.50
CA LYS A 133 2.32 24.15 -11.44
C LYS A 133 1.06 24.93 -11.07
N GLU A 134 0.28 25.37 -12.07
CA GLU A 134 -0.97 26.07 -11.78
C GLU A 134 -1.92 25.15 -11.01
N ALA A 135 -2.00 23.88 -11.44
CA ALA A 135 -2.95 22.94 -10.82
C ALA A 135 -2.60 22.66 -9.36
N LEU A 136 -1.31 22.48 -9.02
CA LEU A 136 -0.94 22.17 -7.64
C LEU A 136 -1.40 23.28 -6.68
N SER A 137 -1.32 24.54 -7.13
CA SER A 137 -1.73 25.68 -6.32
C SER A 137 -3.23 25.70 -6.07
N SER A 138 -3.99 25.54 -7.15
CA SER A 138 -5.42 25.56 -7.12
C SER A 138 -5.94 24.45 -6.17
N TRP A 139 -5.43 23.22 -6.34
CA TRP A 139 -5.89 22.05 -5.53
C TRP A 139 -5.46 22.15 -4.06
N LEU A 140 -4.28 22.73 -3.80
CA LEU A 140 -3.80 22.87 -2.42
C LEU A 140 -4.67 23.92 -1.68
N GLN A 141 -5.09 24.98 -2.39
CA GLN A 141 -6.08 25.93 -1.79
C GLN A 141 -7.45 25.28 -1.57
N ASP A 142 -7.86 24.30 -2.40
CA ASP A 142 -9.17 23.58 -2.18
C ASP A 142 -9.06 22.56 -1.02
N GLY A 143 -7.89 22.34 -0.41
CA GLY A 143 -7.76 21.51 0.83
C GLY A 143 -7.22 20.07 0.64
N VAL A 144 -6.64 19.69 -0.51
CA VAL A 144 -6.03 18.31 -0.63
C VAL A 144 -4.80 18.20 0.27
N ASP A 145 -4.51 16.97 0.70
CA ASP A 145 -3.39 16.64 1.55
C ASP A 145 -2.12 16.29 0.76
N GLY A 146 -2.15 16.32 -0.57
CA GLY A 146 -1.01 15.94 -1.43
C GLY A 146 -1.42 15.38 -2.78
N PHE A 147 -0.42 14.83 -3.51
CA PHE A 147 -0.51 14.45 -4.87
C PHE A 147 0.17 13.11 -5.16
N GLN A 148 -0.38 12.40 -6.16
CA GLN A 148 0.29 11.21 -6.79
C GLN A 148 0.52 11.45 -8.28
N PHE A 149 1.67 10.95 -8.75
CA PHE A 149 2.12 11.00 -10.18
C PHE A 149 2.64 9.62 -10.57
N ARG A 150 1.95 8.93 -11.51
CA ARG A 150 2.24 7.55 -11.96
C ARG A 150 2.98 7.56 -13.31
N ASP A 151 3.51 6.40 -13.69
CA ASP A 151 4.28 6.13 -14.94
C ASP A 151 5.39 7.15 -15.11
N VAL A 152 6.16 7.40 -14.04
CA VAL A 152 7.09 8.50 -14.08
C VAL A 152 8.32 8.16 -14.95
N GLY A 153 8.42 6.92 -15.41
CA GLY A 153 9.41 6.53 -16.39
C GLY A 153 9.10 7.07 -17.78
N LYS A 154 7.86 7.48 -18.00
CA LYS A 154 7.47 8.08 -19.24
C LYS A 154 7.55 9.61 -19.17
N LEU A 155 7.95 10.17 -18.01
CA LEU A 155 8.08 11.63 -17.82
C LEU A 155 9.56 12.00 -18.00
N MET A 156 9.85 12.92 -18.94
CA MET A 156 11.21 13.50 -19.19
C MET A 156 11.69 14.31 -17.99
N ASN A 157 12.95 14.13 -17.57
CA ASN A 157 13.54 14.92 -16.48
C ASN A 157 12.66 14.74 -15.20
N ALA A 158 12.17 13.52 -14.97
CA ALA A 158 11.25 13.19 -13.84
C ALA A 158 11.83 13.62 -12.51
N PRO A 159 13.09 13.27 -12.18
CA PRO A 159 13.71 13.70 -10.92
C PRO A 159 13.66 15.21 -10.68
N LEU A 160 13.81 16.00 -11.73
CA LEU A 160 13.86 17.46 -11.62
C LEU A 160 12.44 18.00 -11.40
N TYR A 161 11.46 17.54 -12.18
CA TYR A 161 10.07 17.96 -12.00
C TYR A 161 9.55 17.54 -10.61
N LEU A 162 9.82 16.29 -10.22
CA LEU A 162 9.31 15.80 -8.90
C LEU A 162 9.85 16.67 -7.76
N ALA A 163 11.16 16.98 -7.80
CA ALA A 163 11.77 17.89 -6.79
C ALA A 163 11.06 19.25 -6.73
N GLU A 164 10.82 19.83 -7.92
CA GLU A 164 10.16 21.12 -7.97
C GLU A 164 8.72 21.02 -7.42
N TRP A 165 7.98 19.97 -7.82
CA TRP A 165 6.59 19.83 -7.33
C TRP A 165 6.55 19.58 -5.81
N GLN A 166 7.55 18.84 -5.31
CA GLN A 166 7.71 18.59 -3.86
C GLN A 166 7.86 19.92 -3.12
N ASN A 167 8.73 20.81 -3.62
CA ASN A 167 8.98 22.09 -2.96
C ASN A 167 7.73 22.96 -2.90
N ILE A 168 6.92 22.98 -3.97
CA ILE A 168 5.67 23.75 -3.94
C ILE A 168 4.75 23.17 -2.85
N THR A 169 4.59 21.83 -2.82
CA THR A 169 3.70 21.10 -1.84
C THR A 169 4.11 21.39 -0.38
N LYS A 170 5.39 21.24 -0.07
CA LYS A 170 5.93 21.35 1.26
C LYS A 170 5.93 22.81 1.73
N ASN A 171 5.86 23.74 0.79
CA ASN A 171 5.94 25.15 1.07
C ASN A 171 4.73 25.64 1.87
N LEU A 172 3.60 24.99 1.66
CA LEU A 172 2.38 25.26 2.30
C LEU A 172 2.38 24.60 3.69
N SER A 173 2.87 23.35 3.78
CA SER A 173 2.91 22.55 5.03
C SER A 173 3.67 21.25 4.81
N GLU A 174 4.43 20.82 5.82
CA GLU A 174 5.13 19.54 5.83
C GLU A 174 4.18 18.39 6.05
N ASP A 175 2.91 18.65 6.35
CA ASP A 175 1.88 17.63 6.42
C ASP A 175 1.37 17.25 5.01
N ARG A 176 1.85 17.90 3.95
CA ARG A 176 1.47 17.56 2.59
C ARG A 176 2.48 16.54 2.04
N LEU A 177 1.97 15.57 1.26
CA LEU A 177 2.69 14.40 0.84
C LEU A 177 2.69 14.34 -0.68
N LEU A 178 3.82 13.89 -1.24
CA LEU A 178 3.93 13.54 -2.68
C LEU A 178 4.26 12.05 -2.83
N ILE A 179 3.55 11.38 -3.72
CA ILE A 179 3.80 9.94 -4.06
C ILE A 179 4.11 9.88 -5.56
N ALA A 180 5.19 9.18 -5.93
CA ALA A 180 5.48 8.83 -7.33
C ALA A 180 5.32 7.32 -7.49
N GLY A 181 4.89 6.91 -8.70
CA GLY A 181 4.75 5.50 -9.14
C GLY A 181 5.51 5.23 -10.42
N THR A 182 6.16 4.07 -10.47
CA THR A 182 6.85 3.57 -11.67
C THR A 182 6.43 2.12 -11.98
N GLU A 183 6.46 1.74 -13.28
CA GLU A 183 6.36 0.33 -13.73
C GLU A 183 7.63 -0.49 -13.45
N SER A 184 8.74 0.17 -13.26
CA SER A 184 10.01 -0.46 -13.06
C SER A 184 10.06 -1.31 -11.79
N SER A 185 10.84 -2.39 -11.88
CA SER A 185 11.28 -3.20 -10.74
C SER A 185 12.82 -3.09 -10.52
N ASP A 186 13.48 -2.16 -11.21
CA ASP A 186 14.98 -2.07 -11.25
C ASP A 186 15.49 -1.20 -10.09
N LEU A 187 16.30 -1.77 -9.21
CA LEU A 187 16.71 -1.10 -7.97
C LEU A 187 17.45 0.22 -8.23
N GLN A 188 18.29 0.22 -9.28
CA GLN A 188 19.11 1.39 -9.61
C GLN A 188 18.25 2.53 -10.17
N GLN A 189 17.26 2.25 -11.03
CA GLN A 189 16.34 3.35 -11.43
C GLN A 189 15.57 3.88 -10.21
N ILE A 190 15.18 2.98 -9.30
CA ILE A 190 14.33 3.37 -8.13
C ILE A 190 15.14 4.32 -7.24
N VAL A 191 16.40 3.94 -6.99
CA VAL A 191 17.34 4.74 -6.13
C VAL A 191 17.61 6.12 -6.73
N ASN A 192 17.80 6.18 -8.05
CA ASN A 192 18.05 7.46 -8.75
C ASN A 192 16.92 8.47 -8.53
N ILE A 193 15.67 8.04 -8.66
CA ILE A 193 14.52 8.93 -8.39
C ILE A 193 14.50 9.38 -6.93
N LEU A 194 14.73 8.44 -5.99
CA LEU A 194 14.65 8.75 -4.54
C LEU A 194 15.78 9.74 -4.14
N GLU A 195 16.95 9.65 -4.76
CA GLU A 195 18.06 10.54 -4.39
C GLU A 195 17.77 11.99 -4.81
N SER A 196 16.99 12.19 -5.86
CA SER A 196 16.71 13.53 -6.36
C SER A 196 15.78 14.30 -5.44
N THR A 197 15.17 13.64 -4.47
CA THR A 197 14.08 14.25 -3.74
C THR A 197 14.22 13.88 -2.27
N SER A 198 13.37 14.49 -1.47
CA SER A 198 13.46 14.28 -0.08
C SER A 198 12.08 13.87 0.45
N ASP A 199 12.04 12.72 1.13
CA ASP A 199 10.84 12.15 1.82
C ASP A 199 9.70 11.89 0.81
N LEU A 200 10.07 11.69 -0.45
CA LEU A 200 9.15 11.24 -1.48
C LEU A 200 8.86 9.75 -1.25
N LEU A 201 7.59 9.32 -1.31
CA LEU A 201 7.28 7.86 -1.43
C LEU A 201 7.31 7.45 -2.92
N LEU A 202 7.90 6.28 -3.22
CA LEU A 202 7.94 5.73 -4.58
C LEU A 202 7.45 4.29 -4.57
N THR A 203 6.30 4.08 -5.24
CA THR A 203 5.70 2.76 -5.43
C THR A 203 6.24 2.17 -6.76
N SER A 204 6.23 0.84 -6.86
CA SER A 204 6.93 0.16 -7.98
C SER A 204 6.56 -1.30 -8.00
N SER A 205 7.10 -2.00 -9.02
CA SER A 205 7.00 -3.48 -9.15
C SER A 205 8.14 -4.24 -8.46
N TYR A 206 8.97 -3.56 -7.66
CA TYR A 206 10.18 -4.13 -7.12
C TYR A 206 9.91 -5.45 -6.39
N LEU A 207 8.87 -5.52 -5.52
CA LEU A 207 8.65 -6.69 -4.66
C LEU A 207 7.90 -7.82 -5.41
N SER A 208 7.51 -7.59 -6.66
CA SER A 208 6.78 -8.60 -7.37
C SER A 208 7.58 -9.14 -8.57
N ASN A 209 8.81 -8.62 -8.77
CA ASN A 209 9.78 -9.22 -9.70
C ASN A 209 10.60 -10.26 -8.90
N SER A 210 10.01 -11.45 -8.68
CA SER A 210 10.54 -12.38 -7.70
C SER A 210 10.30 -13.81 -8.15
N THR A 211 11.10 -14.75 -7.60
CA THR A 211 10.87 -16.20 -7.68
C THR A 211 9.96 -16.65 -6.53
N PHE A 212 9.69 -15.75 -5.58
CA PHE A 212 8.77 -15.99 -4.46
C PHE A 212 9.29 -17.09 -3.55
N THR A 213 10.62 -17.16 -3.36
CA THR A 213 11.22 -17.99 -2.32
C THR A 213 11.53 -17.15 -1.07
N GLY A 214 11.81 -17.87 0.03
CA GLY A 214 12.27 -17.27 1.24
C GLY A 214 13.50 -16.41 0.99
N GLU A 215 14.53 -17.01 0.39
CA GLU A 215 15.81 -16.33 0.19
C GLU A 215 15.64 -15.11 -0.69
N ARG A 216 14.89 -15.25 -1.79
CA ARG A 216 14.75 -14.10 -2.72
C ARG A 216 14.03 -12.95 -2.00
N THR A 217 13.02 -13.27 -1.17
CA THR A 217 12.25 -12.23 -0.46
C THR A 217 13.17 -11.50 0.53
N GLU A 218 13.94 -12.26 1.31
CA GLU A 218 14.96 -11.68 2.22
C GLU A 218 15.92 -10.75 1.46
N SER A 219 16.42 -11.24 0.33
CA SER A 219 17.44 -10.51 -0.46
C SER A 219 16.84 -9.21 -1.03
N LEU A 220 15.61 -9.27 -1.54
CA LEU A 220 14.98 -8.05 -2.07
C LEU A 220 14.86 -6.96 -1.00
N VAL A 221 14.35 -7.34 0.18
CA VAL A 221 14.01 -6.39 1.25
C VAL A 221 15.30 -5.76 1.82
N THR A 222 16.28 -6.63 2.19
CA THR A 222 17.57 -6.18 2.78
C THR A 222 18.36 -5.34 1.76
N ARG A 223 18.40 -5.71 0.48
CA ARG A 223 19.16 -4.87 -0.50
C ARG A 223 18.51 -3.49 -0.67
N PHE A 224 17.18 -3.40 -0.56
CA PHE A 224 16.56 -2.08 -0.78
C PHE A 224 16.87 -1.12 0.37
N LEU A 225 16.74 -1.64 1.59
CA LEU A 225 17.00 -0.86 2.81
C LEU A 225 18.48 -0.45 2.87
N ASN A 226 19.40 -1.36 2.51
CA ASN A 226 20.83 -1.05 2.51
C ASN A 226 21.12 0.06 1.49
N ALA A 227 20.55 -0.05 0.29
CA ALA A 227 20.76 0.95 -0.80
C ALA A 227 20.16 2.33 -0.48
N THR A 228 19.22 2.44 0.50
CA THR A 228 18.54 3.74 0.80
C THR A 228 18.86 4.25 2.21
N GLY A 229 19.91 3.70 2.82
CA GLY A 229 20.27 3.96 4.21
C GLY A 229 19.11 3.85 5.19
N SER A 230 18.24 2.83 5.02
CA SER A 230 17.04 2.57 5.89
C SER A 230 16.17 3.81 6.17
N GLN A 231 16.05 4.76 5.23
CA GLN A 231 15.12 5.94 5.36
C GLN A 231 13.66 5.46 5.20
N TRP A 232 12.72 6.34 5.57
CA TRP A 232 11.30 6.07 5.51
C TRP A 232 10.91 5.87 4.03
N CYS A 233 10.19 4.79 3.75
CA CYS A 233 9.80 4.41 2.39
C CYS A 233 8.35 3.89 2.41
N SER A 234 7.82 3.68 1.19
CA SER A 234 6.59 2.92 0.95
C SER A 234 6.97 1.45 0.75
N TRP A 235 5.99 0.56 0.97
CA TRP A 235 6.04 -0.85 0.57
C TRP A 235 4.74 -1.19 -0.16
N SER A 236 4.87 -1.79 -1.35
CA SER A 236 3.80 -2.02 -2.36
C SER A 236 4.22 -3.21 -3.23
N VAL A 237 3.29 -3.75 -4.05
CA VAL A 237 3.72 -4.75 -5.07
C VAL A 237 3.63 -4.17 -6.48
N SER A 238 3.02 -2.97 -6.63
CA SER A 238 2.87 -2.28 -7.87
C SER A 238 2.61 -0.80 -7.58
N GLN A 239 2.62 0.02 -8.65
CA GLN A 239 2.26 1.46 -8.58
C GLN A 239 0.72 1.65 -8.65
N ALA A 240 -0.04 0.60 -8.95
CA ALA A 240 -1.50 0.70 -9.18
C ALA A 240 -2.23 -0.65 -9.07
N GLY A 241 -1.66 -1.68 -9.69
CA GLY A 241 -2.35 -2.96 -9.88
C GLY A 241 -2.67 -3.70 -8.58
N LEU A 242 -3.66 -4.61 -8.67
CA LEU A 242 -4.12 -5.43 -7.57
C LEU A 242 -3.06 -6.45 -7.16
N LEU A 243 -2.93 -6.60 -5.84
CA LEU A 243 -2.03 -7.56 -5.26
C LEU A 243 -2.29 -8.97 -5.81
N ALA A 244 -3.54 -9.44 -5.86
CA ALA A 244 -3.85 -10.81 -6.37
C ALA A 244 -3.63 -10.95 -7.89
N ASP A 245 -3.34 -9.88 -8.61
CA ASP A 245 -2.91 -9.99 -10.00
C ASP A 245 -1.39 -10.07 -10.13
N PHE A 246 -0.63 -9.66 -9.09
CA PHE A 246 0.85 -9.59 -9.18
C PHE A 246 1.55 -10.70 -8.40
N ILE A 247 0.82 -11.36 -7.49
CA ILE A 247 1.39 -12.26 -6.47
C ILE A 247 0.64 -13.59 -6.56
N PRO A 248 1.35 -14.74 -6.46
CA PRO A 248 0.65 -16.03 -6.44
C PRO A 248 -0.43 -16.16 -5.35
N ASP A 249 -1.51 -16.84 -5.74
CA ASP A 249 -2.69 -17.11 -4.91
C ASP A 249 -2.30 -17.71 -3.54
N HIS A 250 -1.39 -18.69 -3.53
CA HIS A 250 -1.01 -19.33 -2.24
C HIS A 250 -0.33 -18.35 -1.26
N LEU A 251 0.06 -17.15 -1.71
CA LEU A 251 0.87 -16.23 -0.85
C LEU A 251 0.10 -14.95 -0.49
N LEU A 252 -1.19 -14.84 -0.79
CA LEU A 252 -1.92 -13.57 -0.52
C LEU A 252 -1.93 -13.20 0.97
N ARG A 253 -2.18 -14.19 1.85
CA ARG A 253 -2.21 -13.97 3.28
C ARG A 253 -0.79 -13.61 3.77
N LEU A 254 0.21 -14.27 3.20
CA LEU A 254 1.57 -14.14 3.66
C LEU A 254 2.08 -12.73 3.29
N TYR A 255 1.86 -12.32 2.04
CA TYR A 255 2.25 -10.99 1.55
C TYR A 255 1.48 -9.85 2.28
N GLN A 256 0.22 -10.08 2.70
CA GLN A 256 -0.49 -9.06 3.52
C GLN A 256 0.29 -8.81 4.83
N LEU A 257 0.68 -9.88 5.53
CA LEU A 257 1.45 -9.82 6.74
C LEU A 257 2.78 -9.06 6.55
N LEU A 258 3.49 -9.43 5.49
CA LEU A 258 4.74 -8.79 5.12
C LEU A 258 4.56 -7.26 4.96
N LEU A 259 3.64 -6.82 4.10
CA LEU A 259 3.50 -5.36 3.82
C LEU A 259 3.15 -4.58 5.09
N PHE A 260 2.35 -5.20 5.96
CA PHE A 260 1.92 -4.54 7.20
C PHE A 260 3.06 -4.44 8.23
N THR A 261 4.09 -5.29 8.16
CA THR A 261 5.10 -5.40 9.22
C THR A 261 6.52 -4.95 8.79
N LEU A 262 6.71 -4.61 7.52
CA LEU A 262 7.99 -3.98 7.08
C LEU A 262 8.02 -2.50 7.50
N PRO A 263 9.23 -1.92 7.73
CA PRO A 263 9.32 -0.52 8.17
C PRO A 263 8.97 0.51 7.10
N GLY A 264 7.88 1.23 7.30
CA GLY A 264 7.40 2.19 6.30
C GLY A 264 5.90 2.21 6.19
N THR A 265 5.41 2.85 5.11
CA THR A 265 4.00 3.07 4.85
C THR A 265 3.53 2.04 3.82
N PRO A 266 2.65 1.07 4.18
CA PRO A 266 2.12 0.11 3.22
C PRO A 266 1.10 0.79 2.31
N VAL A 267 1.10 0.42 1.01
CA VAL A 267 0.21 1.00 0.01
C VAL A 267 -0.53 -0.12 -0.76
N PHE A 268 -1.87 -0.08 -0.71
CA PHE A 268 -2.77 -1.09 -1.31
C PHE A 268 -3.72 -0.44 -2.31
N SER A 269 -4.39 -1.27 -3.13
CA SER A 269 -5.41 -0.82 -4.05
C SER A 269 -6.76 -1.40 -3.60
N TYR A 270 -7.86 -0.70 -3.88
CA TYR A 270 -9.20 -1.13 -3.42
C TYR A 270 -9.46 -2.56 -3.92
N GLY A 271 -9.88 -3.44 -2.99
CA GLY A 271 -10.13 -4.82 -3.29
C GLY A 271 -9.03 -5.74 -2.80
N ASP A 272 -7.82 -5.17 -2.57
CA ASP A 272 -6.71 -6.00 -2.03
C ASP A 272 -7.14 -6.68 -0.71
N GLU A 273 -7.99 -5.99 0.08
CA GLU A 273 -8.42 -6.51 1.40
C GLU A 273 -9.33 -7.74 1.20
N LEU A 274 -9.85 -7.93 -0.02
CA LEU A 274 -10.74 -9.12 -0.37
C LEU A 274 -10.00 -10.21 -1.18
N GLY A 275 -8.83 -9.86 -1.71
CA GLY A 275 -8.16 -10.65 -2.71
C GLY A 275 -8.75 -10.53 -4.12
N LEU A 276 -9.37 -9.39 -4.44
CA LEU A 276 -9.94 -9.13 -5.75
C LEU A 276 -8.89 -9.19 -6.89
N GLN A 277 -9.32 -9.73 -8.05
CA GLN A 277 -8.51 -9.74 -9.26
C GLN A 277 -9.18 -8.86 -10.31
N GLY A 278 -8.36 -8.35 -11.22
CA GLY A 278 -8.79 -7.41 -12.27
C GLY A 278 -9.12 -8.12 -13.60
N ALA A 279 -9.18 -7.34 -14.67
CA ALA A 279 -9.56 -7.84 -16.04
C ALA A 279 -8.58 -8.95 -16.49
N LEU A 280 -9.13 -9.96 -17.16
CA LEU A 280 -8.36 -11.02 -17.85
C LEU A 280 -7.90 -10.49 -19.22
N PRO A 281 -6.82 -11.08 -19.79
CA PRO A 281 -6.16 -10.50 -20.96
C PRO A 281 -6.94 -10.52 -22.29
N GLY A 282 -8.02 -11.30 -22.40
CA GLY A 282 -8.96 -11.14 -23.56
C GLY A 282 -10.02 -10.05 -23.42
N GLN A 283 -10.25 -9.52 -22.20
CA GLN A 283 -11.32 -8.55 -21.88
C GLN A 283 -10.80 -7.13 -22.10
N PRO A 284 -11.65 -6.09 -22.22
CA PRO A 284 -11.15 -4.71 -22.16
C PRO A 284 -10.45 -4.43 -20.82
N ALA A 285 -9.39 -3.64 -20.89
CA ALA A 285 -8.59 -3.32 -19.77
C ALA A 285 -9.30 -2.24 -18.95
N LYS A 286 -10.18 -2.64 -18.03
CA LYS A 286 -10.94 -1.72 -17.21
C LYS A 286 -10.81 -2.13 -15.74
N ALA A 287 -10.85 -1.14 -14.84
CA ALA A 287 -10.73 -1.41 -13.39
C ALA A 287 -11.93 -2.24 -12.99
N PRO A 288 -11.80 -3.24 -12.10
CA PRO A 288 -12.93 -4.08 -11.74
C PRO A 288 -13.91 -3.36 -10.82
N LEU A 289 -15.17 -3.80 -10.83
CA LEU A 289 -16.15 -3.22 -9.94
C LEU A 289 -15.84 -3.77 -8.55
N MET A 290 -15.97 -2.92 -7.52
CA MET A 290 -15.79 -3.35 -6.14
C MET A 290 -16.98 -4.22 -5.71
N PRO A 291 -16.80 -5.48 -5.28
CA PRO A 291 -17.94 -6.37 -5.12
C PRO A 291 -18.58 -6.22 -3.74
N TRP A 292 -19.41 -5.20 -3.58
CA TRP A 292 -20.01 -4.92 -2.24
C TRP A 292 -20.84 -6.14 -1.75
N ASN A 293 -21.55 -6.76 -2.69
CA ASN A 293 -22.21 -8.04 -2.48
C ASN A 293 -22.27 -8.84 -3.78
N GLU A 294 -22.89 -10.03 -3.70
CA GLU A 294 -22.85 -11.05 -4.76
C GLU A 294 -23.89 -10.80 -5.85
N SER A 295 -24.67 -9.71 -5.77
CA SER A 295 -25.55 -9.32 -6.85
C SER A 295 -24.81 -9.25 -8.23
N SER A 296 -25.55 -9.63 -9.30
CA SER A 296 -25.14 -9.65 -10.74
C SER A 296 -24.48 -8.34 -11.20
N ILE A 297 -24.99 -7.22 -10.73
CA ILE A 297 -24.51 -5.92 -11.17
C ILE A 297 -22.99 -5.77 -10.91
N PHE A 298 -22.47 -6.46 -9.88
CA PHE A 298 -21.04 -6.45 -9.56
C PHE A 298 -20.21 -7.46 -10.39
N HIS A 299 -20.82 -8.23 -11.32
CA HIS A 299 -20.11 -9.42 -11.94
C HIS A 299 -19.28 -9.01 -13.16
N ILE A 300 -18.48 -7.92 -13.05
CA ILE A 300 -17.46 -7.59 -14.07
C ILE A 300 -16.12 -7.24 -13.36
N PRO A 301 -15.02 -7.91 -13.75
CA PRO A 301 -14.90 -8.76 -14.95
C PRO A 301 -15.25 -10.27 -14.81
N ARG A 302 -15.40 -10.76 -13.58
CA ARG A 302 -15.73 -12.15 -13.29
C ARG A 302 -17.01 -12.25 -12.47
N PRO A 303 -17.84 -13.28 -12.69
CA PRO A 303 -18.83 -13.68 -11.68
C PRO A 303 -18.18 -13.81 -10.30
N VAL A 304 -18.87 -13.30 -9.26
CA VAL A 304 -18.34 -13.39 -7.88
C VAL A 304 -19.34 -14.15 -6.99
N SER A 305 -18.80 -14.99 -6.11
CA SER A 305 -19.55 -15.70 -5.09
C SER A 305 -19.52 -14.87 -3.83
N LEU A 306 -20.40 -15.25 -2.91
CA LEU A 306 -20.53 -14.58 -1.63
C LEU A 306 -19.16 -14.37 -0.96
N ASN A 307 -18.25 -15.35 -1.07
CA ASN A 307 -16.98 -15.33 -0.32
C ASN A 307 -15.93 -14.39 -0.96
N MET A 308 -16.22 -13.83 -2.13
CA MET A 308 -15.35 -12.89 -2.78
C MET A 308 -15.90 -11.48 -2.52
N THR A 309 -16.91 -11.34 -1.63
CA THR A 309 -17.63 -10.03 -1.53
C THR A 309 -17.38 -9.43 -0.16
N VAL A 310 -17.58 -8.12 -0.05
CA VAL A 310 -17.43 -7.44 1.26
C VAL A 310 -18.41 -8.05 2.27
N LYS A 311 -19.67 -8.18 1.83
CA LYS A 311 -20.77 -8.74 2.68
C LYS A 311 -20.41 -10.13 3.21
N GLY A 312 -19.97 -11.02 2.32
CA GLY A 312 -19.50 -12.35 2.68
C GLY A 312 -18.29 -12.36 3.62
N GLN A 313 -17.24 -11.57 3.33
CA GLN A 313 -15.98 -11.69 4.11
C GLN A 313 -16.17 -11.00 5.48
N ASN A 314 -17.12 -10.07 5.54
CA ASN A 314 -17.30 -9.26 6.75
C ASN A 314 -17.59 -10.12 8.00
N GLU A 315 -18.31 -11.24 7.89
CA GLU A 315 -18.62 -12.04 9.11
C GLU A 315 -17.77 -13.31 9.25
N ASP A 316 -16.77 -13.49 8.38
CA ASP A 316 -15.99 -14.69 8.34
C ASP A 316 -14.68 -14.46 9.10
N PRO A 317 -14.45 -15.17 10.23
CA PRO A 317 -13.18 -15.02 10.95
C PRO A 317 -11.98 -15.49 10.13
N GLY A 318 -12.23 -16.24 9.04
CA GLY A 318 -11.16 -16.81 8.20
C GLY A 318 -10.84 -15.94 6.99
N SER A 319 -11.57 -14.83 6.77
CA SER A 319 -11.46 -14.05 5.51
C SER A 319 -10.17 -13.24 5.46
N LEU A 320 -9.76 -12.88 4.25
CA LEU A 320 -8.68 -11.92 4.06
C LEU A 320 -9.07 -10.54 4.67
N LEU A 321 -10.34 -10.12 4.53
CA LEU A 321 -10.84 -8.84 5.08
C LEU A 321 -10.62 -8.82 6.59
N THR A 322 -10.94 -9.91 7.27
CA THR A 322 -10.73 -10.00 8.72
C THR A 322 -9.25 -9.91 9.09
N GLN A 323 -8.37 -10.54 8.31
CA GLN A 323 -6.91 -10.43 8.61
C GLN A 323 -6.41 -8.98 8.36
N PHE A 324 -6.93 -8.31 7.33
CA PHE A 324 -6.56 -6.88 6.97
C PHE A 324 -6.92 -5.93 8.14
N ARG A 325 -8.16 -6.03 8.62
CA ARG A 325 -8.64 -5.21 9.71
C ARG A 325 -7.78 -5.42 10.96
N ARG A 326 -7.45 -6.67 11.27
CA ARG A 326 -6.65 -7.01 12.45
C ARG A 326 -5.26 -6.38 12.35
N LEU A 327 -4.59 -6.61 11.22
CA LEU A 327 -3.22 -6.12 11.07
C LEU A 327 -3.22 -4.59 11.00
N SER A 328 -4.13 -3.98 10.27
CA SER A 328 -4.21 -2.51 10.18
C SER A 328 -4.38 -1.86 11.58
N ASP A 329 -5.25 -2.44 12.41
CA ASP A 329 -5.42 -1.99 13.81
C ASP A 329 -4.08 -2.01 14.54
N LEU A 330 -3.36 -3.13 14.48
CA LEU A 330 -2.08 -3.22 15.20
C LEU A 330 -1.04 -2.22 14.67
N ARG A 331 -0.92 -2.11 13.34
CA ARG A 331 -0.01 -1.16 12.64
C ARG A 331 -0.24 0.30 13.09
N GLY A 332 -1.49 0.68 13.34
CA GLY A 332 -1.84 2.05 13.74
C GLY A 332 -1.65 2.29 15.25
N LYS A 333 -1.38 1.28 16.07
CA LYS A 333 -1.36 1.55 17.54
C LYS A 333 -0.11 1.04 18.26
N GLU A 334 0.65 0.09 17.69
CA GLU A 334 1.84 -0.41 18.40
C GLU A 334 3.09 0.32 17.94
N ARG A 335 3.87 0.85 18.89
CA ARG A 335 4.99 1.76 18.56
C ARG A 335 6.08 1.07 17.75
N SER A 336 6.34 -0.22 18.03
CA SER A 336 7.34 -1.00 17.31
C SER A 336 7.03 -1.14 15.81
N LEU A 337 5.76 -1.07 15.43
CA LEU A 337 5.28 -1.08 14.05
C LEU A 337 5.03 0.32 13.52
N LEU A 338 4.69 1.28 14.40
CA LEU A 338 4.51 2.66 13.99
C LEU A 338 5.85 3.21 13.46
N HIS A 339 6.93 3.03 14.24
CA HIS A 339 8.21 3.63 13.92
C HIS A 339 9.34 2.87 14.62
N GLY A 340 9.25 1.53 14.67
CA GLY A 340 10.35 0.71 15.24
C GLY A 340 11.53 0.51 14.27
N ASP A 341 12.67 0.13 14.80
CA ASP A 341 13.75 -0.38 14.01
C ASP A 341 13.34 -1.73 13.39
N PHE A 342 14.14 -2.17 12.41
CA PHE A 342 14.05 -3.47 11.69
C PHE A 342 15.41 -4.19 11.81
N HIS A 343 15.40 -5.47 12.22
CA HIS A 343 16.57 -6.40 12.08
C HIS A 343 16.13 -7.75 11.50
N ALA A 344 16.80 -8.15 10.42
CA ALA A 344 16.67 -9.43 9.75
C ALA A 344 17.39 -10.50 10.57
N LEU A 345 16.70 -11.59 10.82
CA LEU A 345 17.32 -12.72 11.46
C LEU A 345 17.81 -13.66 10.36
N SER A 346 18.70 -14.57 10.76
CA SER A 346 19.01 -15.70 9.89
C SER A 346 18.02 -16.84 10.19
N SER A 347 17.71 -17.61 9.16
CA SER A 347 16.67 -18.65 9.24
C SER A 347 16.97 -19.69 8.16
N SER A 348 16.33 -20.85 8.23
CA SER A 348 16.41 -21.86 7.14
C SER A 348 16.08 -21.23 5.80
N PRO A 349 16.53 -21.85 4.69
CA PRO A 349 16.48 -21.24 3.36
C PRO A 349 15.09 -20.89 2.80
N ASP A 350 14.06 -21.64 3.20
CA ASP A 350 12.67 -21.41 2.72
C ASP A 350 11.98 -20.29 3.53
N LEU A 351 12.62 -19.74 4.57
CA LEU A 351 12.01 -18.74 5.45
C LEU A 351 12.68 -17.36 5.29
N PHE A 352 11.89 -16.32 5.61
CA PHE A 352 12.37 -15.00 5.89
C PHE A 352 11.81 -14.61 7.28
N SER A 353 12.69 -14.14 8.15
CA SER A 353 12.29 -13.76 9.52
C SER A 353 13.00 -12.46 9.95
N TYR A 354 12.29 -11.66 10.75
CA TYR A 354 12.81 -10.38 11.20
C TYR A 354 12.05 -9.91 12.43
N ILE A 355 12.64 -8.90 13.10
CA ILE A 355 12.02 -8.26 14.28
C ILE A 355 11.85 -6.74 14.07
N ARG A 356 10.79 -6.21 14.70
CA ARG A 356 10.49 -4.80 14.85
C ARG A 356 10.53 -4.42 16.35
N HIS A 357 11.27 -3.34 16.67
CA HIS A 357 11.47 -2.92 18.08
C HIS A 357 11.64 -1.40 18.19
N TRP A 358 10.87 -0.80 19.12
CA TRP A 358 11.08 0.59 19.62
C TRP A 358 11.27 0.62 21.16
N ASP A 359 12.41 1.14 21.59
CA ASP A 359 12.65 1.50 23.01
C ASP A 359 12.33 0.28 23.91
N GLN A 360 11.29 0.38 24.76
CA GLN A 360 10.88 -0.62 25.78
C GLN A 360 9.44 -1.02 25.51
N ASN A 361 8.96 -0.77 24.28
CA ASN A 361 7.67 -1.25 23.91
C ASN A 361 7.79 -2.75 23.58
N GLU A 362 6.65 -3.40 23.49
CA GLU A 362 6.56 -4.79 22.94
C GLU A 362 7.24 -4.84 21.56
N ARG A 363 8.15 -5.82 21.40
CA ARG A 363 8.79 -6.22 20.17
C ARG A 363 7.91 -7.23 19.40
N TYR A 364 8.14 -7.29 18.09
CA TYR A 364 7.40 -8.17 17.17
C TYR A 364 8.40 -8.98 16.37
N LEU A 365 8.10 -10.28 16.24
CA LEU A 365 8.89 -11.24 15.48
C LEU A 365 8.00 -11.81 14.38
N VAL A 366 8.44 -11.67 13.13
CA VAL A 366 7.72 -12.14 11.99
C VAL A 366 8.52 -13.32 11.43
N VAL A 367 7.82 -14.43 11.14
CA VAL A 367 8.42 -15.65 10.50
C VAL A 367 7.54 -16.13 9.35
N LEU A 368 8.11 -16.15 8.14
CA LEU A 368 7.35 -16.42 6.92
C LEU A 368 7.92 -17.66 6.20
N ASN A 369 7.09 -18.70 6.04
CA ASN A 369 7.44 -19.96 5.29
C ASN A 369 6.91 -19.90 3.85
N PHE A 370 7.85 -19.86 2.88
CA PHE A 370 7.48 -19.71 1.48
C PHE A 370 7.36 -21.07 0.78
N ARG A 371 7.41 -22.18 1.52
CA ARG A 371 7.34 -23.55 0.94
C ARG A 371 6.02 -24.27 1.32
N ASP A 372 5.56 -25.13 0.42
N ASP A 372 5.53 -25.18 0.46
CA ASP A 372 4.37 -25.97 0.59
CA ASP A 372 4.23 -25.90 0.69
C ASP A 372 4.73 -27.23 1.38
C ASP A 372 4.44 -27.12 1.62
N SER A 373 5.44 -27.08 2.52
CA SER A 373 5.70 -28.19 3.46
C SER A 373 6.24 -27.68 4.81
N GLY A 374 6.13 -28.57 5.81
CA GLY A 374 6.55 -28.25 7.16
C GLY A 374 8.02 -27.91 7.19
N ARG A 375 8.38 -26.84 7.90
CA ARG A 375 9.80 -26.39 7.94
C ARG A 375 10.19 -25.92 9.35
N SER A 376 11.40 -26.30 9.77
CA SER A 376 12.10 -25.76 10.96
C SER A 376 12.59 -24.33 10.65
N ALA A 377 12.40 -23.43 11.62
CA ALA A 377 12.78 -22.01 11.46
C ALA A 377 14.29 -21.85 11.51
N ARG A 378 14.93 -22.55 12.47
CA ARG A 378 16.35 -22.42 12.78
C ARG A 378 16.71 -20.93 12.87
N LEU A 379 16.05 -20.20 13.77
CA LEU A 379 16.27 -18.73 13.89
C LEU A 379 17.65 -18.49 14.51
N GLY A 380 18.42 -17.59 13.90
CA GLY A 380 19.71 -17.13 14.45
C GLY A 380 19.72 -15.61 14.59
N ALA A 381 20.43 -15.12 15.62
CA ALA A 381 20.51 -13.69 15.92
C ALA A 381 21.98 -13.24 16.09
N SER A 382 22.91 -13.96 15.44
CA SER A 382 24.35 -13.87 15.71
C SER A 382 24.79 -12.41 15.81
N ASN A 383 24.41 -11.62 14.80
CA ASN A 383 24.65 -10.20 14.78
C ASN A 383 23.35 -9.51 15.18
N LEU A 384 23.34 -8.85 16.35
CA LEU A 384 22.14 -8.19 16.88
C LEU A 384 22.57 -7.04 17.78
N PRO A 385 21.84 -5.92 17.81
CA PRO A 385 22.28 -4.78 18.61
C PRO A 385 22.04 -5.03 20.11
N ALA A 386 23.08 -4.75 20.91
CA ALA A 386 22.93 -4.52 22.34
C ALA A 386 21.57 -3.87 22.59
N GLY A 387 20.88 -4.30 23.66
CA GLY A 387 19.53 -3.87 23.95
C GLY A 387 18.50 -4.93 23.61
N ILE A 388 18.85 -5.88 22.73
CA ILE A 388 17.85 -6.82 22.22
C ILE A 388 18.48 -8.18 21.87
N SER A 389 17.90 -9.23 22.48
CA SER A 389 18.10 -10.59 22.07
C SER A 389 16.74 -11.29 22.01
N LEU A 390 16.74 -12.49 21.42
CA LEU A 390 15.53 -13.26 21.27
C LEU A 390 15.16 -13.85 22.61
N PRO A 391 13.87 -13.91 22.99
CA PRO A 391 13.45 -14.70 24.15
C PRO A 391 13.47 -16.22 23.87
N ALA A 392 13.14 -17.03 24.88
CA ALA A 392 13.08 -18.47 24.75
C ALA A 392 11.73 -18.91 24.18
N SER A 393 10.67 -18.20 24.59
CA SER A 393 9.35 -18.33 24.01
C SER A 393 8.82 -16.94 23.62
N ALA A 394 7.68 -16.92 22.92
CA ALA A 394 6.97 -15.70 22.53
C ALA A 394 5.51 -16.05 22.35
N LYS A 395 4.65 -15.04 22.49
CA LYS A 395 3.25 -15.14 22.31
C LYS A 395 2.83 -14.95 20.84
N LEU A 396 2.00 -15.89 20.37
CA LEU A 396 1.37 -15.87 19.05
C LEU A 396 0.17 -14.92 19.00
N LEU A 397 0.28 -13.83 18.23
CA LEU A 397 -0.85 -12.95 18.04
C LEU A 397 -1.69 -13.38 16.84
N LEU A 398 -1.02 -13.85 15.78
CA LEU A 398 -1.66 -14.12 14.51
C LEU A 398 -0.87 -15.16 13.72
N SER A 399 -1.58 -16.17 13.19
CA SER A 399 -1.08 -17.06 12.15
C SER A 399 -1.92 -16.84 10.90
N THR A 400 -1.30 -16.96 9.72
CA THR A 400 -2.08 -16.88 8.44
C THR A 400 -2.96 -18.13 8.26
N ASP A 401 -2.63 -19.19 9.01
CA ASP A 401 -3.42 -20.44 8.93
C ASP A 401 -4.66 -20.30 9.82
N SER A 402 -5.84 -20.04 9.24
CA SER A 402 -7.04 -19.68 10.08
C SER A 402 -7.50 -20.86 10.96
N ALA A 403 -7.13 -22.10 10.59
CA ALA A 403 -7.35 -23.25 11.44
C ALA A 403 -6.61 -23.04 12.75
N ARG A 404 -5.28 -22.92 12.67
CA ARG A 404 -4.49 -22.68 13.87
C ARG A 404 -4.94 -21.41 14.62
N GLN A 405 -5.40 -20.39 13.88
CA GLN A 405 -5.78 -19.10 14.49
C GLN A 405 -6.95 -19.33 15.47
N SER A 406 -7.94 -20.13 15.10
CA SER A 406 -9.12 -20.31 15.98
C SER A 406 -8.78 -21.09 17.27
N ARG A 407 -7.72 -21.89 17.29
CA ARG A 407 -7.41 -22.70 18.47
C ARG A 407 -5.99 -22.48 19.07
N GLU A 408 -5.14 -21.62 18.51
CA GLU A 408 -3.82 -21.38 19.19
C GLU A 408 -3.62 -19.86 19.44
N GLU A 409 -4.61 -19.01 19.09
CA GLU A 409 -4.47 -17.54 19.24
C GLU A 409 -4.31 -17.16 20.73
N ASP A 410 -3.33 -16.29 21.00
CA ASP A 410 -2.87 -15.81 22.33
C ASP A 410 -2.13 -16.90 23.13
N THR A 411 -1.58 -17.93 22.49
CA THR A 411 -0.81 -18.99 23.17
C THR A 411 0.70 -18.73 22.97
N SER A 412 1.59 -19.47 23.66
CA SER A 412 3.04 -19.20 23.58
C SER A 412 3.82 -20.36 22.97
N LEU A 413 4.87 -20.04 22.18
CA LEU A 413 5.66 -21.04 21.43
C LEU A 413 7.13 -20.88 21.78
N LYS A 414 7.81 -22.01 21.98
CA LYS A 414 9.23 -22.02 22.22
C LYS A 414 9.95 -21.77 20.89
N LEU A 415 10.96 -20.90 20.90
CA LEU A 415 11.51 -20.40 19.65
C LEU A 415 12.54 -21.39 19.11
N GLU A 416 13.27 -22.05 20.01
CA GLU A 416 14.42 -22.84 19.63
C GLU A 416 13.98 -24.00 18.72
N ASN A 417 12.77 -24.54 18.93
CA ASN A 417 12.26 -25.68 18.17
C ASN A 417 11.08 -25.27 17.27
N LEU A 418 11.05 -24.00 16.80
CA LEU A 418 9.89 -23.42 16.05
C LEU A 418 9.76 -24.18 14.73
N SER A 419 8.54 -24.63 14.44
CA SER A 419 8.17 -25.35 13.19
C SER A 419 7.05 -24.61 12.47
N LEU A 420 7.13 -24.42 11.14
CA LEU A 420 5.98 -23.80 10.44
C LEU A 420 5.29 -24.79 9.50
N ASN A 421 3.95 -24.65 9.38
CA ASN A 421 3.15 -25.42 8.42
C ASN A 421 3.29 -24.80 7.03
N PRO A 422 2.83 -25.55 6.01
CA PRO A 422 2.91 -25.12 4.60
C PRO A 422 2.41 -23.68 4.34
N TYR A 423 3.28 -22.81 3.81
CA TYR A 423 2.93 -21.39 3.45
C TYR A 423 2.45 -20.56 4.65
N GLU A 424 2.78 -20.98 5.88
CA GLU A 424 2.39 -20.32 7.14
C GLU A 424 3.24 -19.04 7.38
N GLY A 425 2.56 -17.95 7.75
CA GLY A 425 3.18 -16.77 8.40
C GLY A 425 2.75 -16.61 9.87
N LEU A 426 3.70 -16.28 10.76
CA LEU A 426 3.51 -16.02 12.19
C LEU A 426 3.86 -14.58 12.56
N LEU A 427 2.97 -13.95 13.35
CA LEU A 427 3.28 -12.73 14.11
C LEU A 427 3.31 -13.07 15.61
N LEU A 428 4.50 -12.97 16.20
CA LEU A 428 4.73 -13.20 17.58
C LEU A 428 5.18 -11.91 18.29
N GLN A 429 4.86 -11.81 19.58
CA GLN A 429 5.15 -10.64 20.46
C GLN A 429 6.03 -11.09 21.65
N PHE A 430 7.00 -10.25 22.03
CA PHE A 430 7.86 -10.48 23.20
C PHE A 430 8.21 -9.15 23.87
N PRO A 431 8.41 -9.13 25.21
CA PRO A 431 8.67 -7.90 25.95
C PRO A 431 10.13 -7.46 26.05
N PHE A 432 10.31 -6.18 26.37
CA PHE A 432 11.54 -5.62 26.91
C PHE A 432 11.79 -6.27 28.27
N VAL A 433 13.04 -6.71 28.56
CA VAL A 433 13.47 -7.30 29.87
C VAL A 433 14.48 -6.37 30.57
N ALA A 434 14.25 -6.07 31.85
CA ALA A 434 15.02 -5.06 32.63
C ALA A 434 16.41 -5.59 33.02
C1 EDO B . 9.55 -1.49 -2.38
O1 EDO B . 8.12 -1.42 -2.34
C2 EDO B . 10.15 -0.43 -1.45
O2 EDO B . 9.80 0.89 -1.85
C1 EDO C . -1.42 -19.43 3.91
O1 EDO C . -0.53 -18.43 4.45
C2 EDO C . -2.24 -20.20 4.96
O2 EDO C . -1.37 -20.75 5.99
CL CL D . 7.06 4.09 -15.35
#